data_2WT7
#
_entry.id   2WT7
#
_cell.length_a   146.676
_cell.length_b   146.676
_cell.length_c   51.117
_cell.angle_alpha   90.00
_cell.angle_beta   90.00
_cell.angle_gamma   120.00
#
_symmetry.space_group_name_H-M   'P 62'
#
loop_
_entity.id
_entity.type
_entity.pdbx_description
1 polymer 'PROTO-ONCOGENE PROTEIN C-FOS'
2 polymer 'TRANSCRIPTION FACTOR MAFB'
3 polymer 'MODIFIED T-MARE MOTIF'
4 polymer 'MODIFIED T-MARE MOTIF'
5 non-polymer 'PHOSPHATE ION'
6 water water
#
loop_
_entity_poly.entity_id
_entity_poly.type
_entity_poly.pdbx_seq_one_letter_code
_entity_poly.pdbx_strand_id
1 'polypeptide(L)' EKRRIRRERNKMAAAKCRNRRRELTDTLQAETDQLEDEKSALQTEIANLLKEKEKLEFILAAH A
2 'polypeptide(L)'
;DQLVSMSVRELNRHLRGFTKDEVIRLKQKRRTLKNRGYAQSCRYKRVQQKHHLENEKTQLIQQVEQLKQEVSRLARERDA
YKVKSEKLAN
;
B
3 'polydeoxyribonucleotide' (DA)(DA)(DT)(DT)(DG)(DC)(DT)(DG)(DA)(DC)(DT)(DC)(DA)(DT)(DA)(DG) C
4 'polydeoxyribonucleotide' (DC)(DT)(DA)(DT)(DG)(DA)(DG)(DT)(DC)(DA)(DG)(DC)(DA)(DA)(DT)(DT) D
#
# COMPACT_ATOMS: atom_id res chain seq x y z
N GLU A 1 -38.55 -14.61 11.71
CA GLU A 1 -37.70 -15.24 12.77
C GLU A 1 -36.50 -15.99 12.16
N LYS A 2 -36.72 -16.63 11.01
CA LYS A 2 -35.63 -17.17 10.22
C LYS A 2 -35.06 -15.99 9.42
N ARG A 3 -35.82 -14.92 9.44
CA ARG A 3 -35.45 -13.62 8.90
C ARG A 3 -34.48 -12.98 9.88
N ARG A 4 -34.90 -12.91 11.13
CA ARG A 4 -34.15 -12.26 12.19
C ARG A 4 -32.80 -12.94 12.42
N ILE A 5 -32.80 -14.27 12.38
CA ILE A 5 -31.59 -15.03 12.64
C ILE A 5 -30.56 -14.89 11.52
N ARG A 6 -31.02 -14.88 10.28
CA ARG A 6 -30.10 -14.74 9.16
C ARG A 6 -29.47 -13.34 9.17
N ARG A 7 -30.23 -12.35 9.62
CA ARG A 7 -29.73 -10.99 9.78
C ARG A 7 -28.65 -10.89 10.86
N GLU A 8 -28.88 -11.55 11.99
CA GLU A 8 -27.95 -11.51 13.11
C GLU A 8 -26.64 -12.12 12.65
N ARG A 9 -26.74 -13.24 11.97
CA ARG A 9 -25.55 -13.94 11.55
C ARG A 9 -24.82 -13.17 10.47
N ASN A 10 -25.57 -12.57 9.55
CA ASN A 10 -24.97 -11.84 8.45
C ASN A 10 -24.29 -10.56 8.93
N LYS A 11 -24.93 -9.91 9.89
CA LYS A 11 -24.41 -8.72 10.51
C LYS A 11 -23.03 -9.04 11.14
N MET A 12 -22.93 -10.20 11.79
CA MET A 12 -21.70 -10.67 12.43
C MET A 12 -20.66 -10.96 11.38
N ALA A 13 -21.11 -11.49 10.25
CA ALA A 13 -20.26 -11.79 9.12
C ALA A 13 -19.73 -10.54 8.41
N ALA A 14 -20.55 -9.49 8.36
CA ALA A 14 -20.11 -8.21 7.79
C ALA A 14 -19.03 -7.62 8.65
N ALA A 15 -19.25 -7.63 9.97
CA ALA A 15 -18.31 -7.10 10.95
C ALA A 15 -16.96 -7.77 10.84
N LYS A 16 -16.98 -9.08 10.67
CA LYS A 16 -15.78 -9.88 10.54
C LYS A 16 -15.11 -9.54 9.22
N CYS A 17 -15.93 -9.30 8.21
CA CYS A 17 -15.45 -8.98 6.89
C CYS A 17 -14.71 -7.64 6.86
N ARG A 18 -15.30 -6.63 7.47
CA ARG A 18 -14.65 -5.33 7.61
C ARG A 18 -13.34 -5.44 8.42
N ASN A 19 -13.37 -6.16 9.53
CA ASN A 19 -12.19 -6.28 10.41
C ASN A 19 -11.06 -6.99 9.65
N ARG A 20 -11.43 -8.02 8.91
CA ARG A 20 -10.48 -8.78 8.14
C ARG A 20 -9.84 -7.97 7.01
N ARG A 21 -10.65 -7.14 6.33
CA ARG A 21 -10.12 -6.22 5.30
C ARG A 21 -9.11 -5.21 5.89
N ARG A 22 -9.46 -4.62 7.03
CA ARG A 22 -8.57 -3.71 7.73
CA ARG A 22 -8.58 -3.72 7.78
C ARG A 22 -7.25 -4.40 8.16
N GLU A 23 -7.34 -5.61 8.68
CA GLU A 23 -6.14 -6.32 9.13
C GLU A 23 -5.22 -6.64 7.97
N LEU A 24 -5.82 -7.02 6.84
CA LEU A 24 -5.03 -7.35 5.66
C LEU A 24 -4.32 -6.12 5.08
N THR A 25 -4.93 -4.95 5.18
CA THR A 25 -4.24 -3.71 4.79
C THR A 25 -3.06 -3.38 5.71
N ASP A 26 -3.28 -3.56 7.02
CA ASP A 26 -2.26 -3.31 8.02
C ASP A 26 -1.06 -4.22 7.77
N THR A 27 -1.37 -5.49 7.54
CA THR A 27 -0.40 -6.53 7.32
C THR A 27 0.43 -6.28 6.04
N LEU A 28 -0.25 -5.90 4.95
CA LEU A 28 0.42 -5.50 3.72
C LEU A 28 1.30 -4.25 3.88
N GLN A 29 0.80 -3.25 4.60
CA GLN A 29 1.59 -2.06 4.87
C GLN A 29 2.87 -2.39 5.68
N ALA A 30 2.75 -3.32 6.64
CA ALA A 30 3.87 -3.77 7.47
C ALA A 30 4.92 -4.51 6.65
N GLU A 31 4.46 -5.39 5.75
N GLU A 31 4.48 -5.38 5.74
CA GLU A 31 5.34 -6.14 4.86
CA GLU A 31 5.39 -6.13 4.88
C GLU A 31 6.17 -5.17 4.04
C GLU A 31 6.18 -5.17 4.02
N THR A 32 5.49 -4.16 3.52
CA THR A 32 6.11 -3.13 2.71
C THR A 32 7.14 -2.34 3.51
N ASP A 33 6.80 -2.00 4.74
CA ASP A 33 7.73 -1.36 5.68
C ASP A 33 8.94 -2.26 5.95
N GLN A 34 8.72 -3.56 6.09
CA GLN A 34 9.80 -4.49 6.36
C GLN A 34 10.80 -4.55 5.20
N LEU A 35 10.26 -4.56 3.97
CA LEU A 35 11.08 -4.58 2.76
C LEU A 35 11.89 -3.31 2.60
N GLU A 36 11.33 -2.18 2.99
CA GLU A 36 12.07 -0.93 2.96
C GLU A 36 13.18 -0.89 4.01
N ASP A 37 12.94 -1.52 5.16
CA ASP A 37 13.99 -1.64 6.16
C ASP A 37 15.11 -2.48 5.57
N GLU A 38 14.73 -3.60 4.96
CA GLU A 38 15.70 -4.56 4.43
C GLU A 38 16.51 -3.96 3.28
N LYS A 39 15.82 -3.25 2.39
CA LYS A 39 16.47 -2.59 1.27
C LYS A 39 17.50 -1.56 1.73
N SER A 40 17.10 -0.77 2.73
CA SER A 40 17.93 0.27 3.28
C SER A 40 19.20 -0.30 3.97
N ALA A 41 19.02 -1.41 4.69
CA ALA A 41 20.12 -2.13 5.32
C ALA A 41 21.09 -2.70 4.27
N LEU A 42 20.55 -3.15 3.14
CA LEU A 42 21.37 -3.70 2.08
C LEU A 42 22.20 -2.63 1.35
N GLN A 43 21.63 -1.43 1.19
CA GLN A 43 22.37 -0.33 0.60
C GLN A 43 23.53 0.11 1.50
N THR A 44 23.32 0.08 2.82
CA THR A 44 24.37 0.41 3.76
C THR A 44 25.46 -0.65 3.72
N GLU A 45 25.06 -1.91 3.66
CA GLU A 45 25.99 -3.02 3.61
C GLU A 45 26.85 -2.97 2.35
N ILE A 46 26.24 -2.59 1.23
CA ILE A 46 26.96 -2.43 -0.03
C ILE A 46 28.03 -1.36 0.03
N ALA A 47 27.69 -0.21 0.62
CA ALA A 47 28.64 0.89 0.80
C ALA A 47 29.83 0.55 1.73
N ASN A 48 29.56 -0.25 2.76
CA ASN A 48 30.60 -0.74 3.70
C ASN A 48 31.50 -1.79 3.02
N LEU A 49 30.88 -2.71 2.28
CA LEU A 49 31.62 -3.75 1.57
C LEU A 49 32.56 -3.16 0.53
N LEU A 50 32.10 -2.10 -0.14
CA LEU A 50 32.91 -1.43 -1.14
C LEU A 50 34.10 -0.81 -0.46
N LYS A 51 33.84 -0.20 0.69
CA LYS A 51 34.87 0.52 1.42
C LYS A 51 35.91 -0.44 1.99
N GLU A 52 35.43 -1.60 2.45
CA GLU A 52 36.24 -2.63 3.07
C GLU A 52 37.10 -3.30 2.01
N LYS A 53 36.49 -3.55 0.87
CA LYS A 53 37.16 -4.18 -0.25
C LYS A 53 38.28 -3.30 -0.79
N GLU A 54 38.03 -2.01 -0.95
CA GLU A 54 39.08 -1.17 -1.49
C GLU A 54 40.21 -0.90 -0.50
N LYS A 55 39.88 -0.82 0.78
CA LYS A 55 40.91 -0.73 1.83
C LYS A 55 41.91 -1.88 1.70
N LEU A 56 41.40 -3.11 1.64
CA LEU A 56 42.23 -4.30 1.49
C LEU A 56 43.00 -4.40 0.18
N GLU A 57 42.33 -4.07 -0.92
CA GLU A 57 42.98 -4.08 -2.19
C GLU A 57 44.18 -3.14 -2.22
N PHE A 58 44.02 -1.92 -1.72
CA PHE A 58 45.07 -0.92 -1.72
C PHE A 58 46.24 -1.26 -0.79
N ILE A 59 45.94 -1.93 0.32
CA ILE A 59 46.94 -2.45 1.26
C ILE A 59 47.81 -3.49 0.57
N LEU A 60 47.18 -4.48 -0.05
CA LEU A 60 47.87 -5.53 -0.77
C LEU A 60 48.71 -5.01 -1.93
N ALA A 61 48.20 -4.00 -2.63
CA ALA A 61 48.88 -3.42 -3.77
C ALA A 61 50.04 -2.51 -3.37
N ALA A 62 49.95 -1.88 -2.21
CA ALA A 62 50.99 -0.94 -1.78
C ALA A 62 52.19 -1.65 -1.15
N HIS A 63 52.03 -2.93 -0.83
CA HIS A 63 53.04 -3.63 -0.03
C HIS A 63 53.57 -4.85 -0.74
N ASP B 1 -29.16 11.80 -11.82
CA ASP B 1 -27.96 12.44 -12.54
C ASP B 1 -28.06 13.97 -12.58
N GLN B 2 -29.04 14.53 -13.27
CA GLN B 2 -29.29 15.97 -13.17
CA GLN B 2 -29.31 15.97 -13.17
C GLN B 2 -29.75 16.35 -11.75
N LEU B 3 -30.42 15.42 -11.09
CA LEU B 3 -30.86 15.62 -9.71
C LEU B 3 -29.64 15.67 -8.77
N VAL B 4 -28.58 14.97 -9.13
CA VAL B 4 -27.35 15.07 -8.34
C VAL B 4 -26.40 16.18 -8.82
N SER B 5 -26.26 16.34 -10.13
CA SER B 5 -25.26 17.26 -10.67
C SER B 5 -25.61 18.74 -10.64
N MET B 6 -26.90 19.07 -10.53
CA MET B 6 -27.37 20.45 -10.45
C MET B 6 -26.99 21.11 -9.14
N SER B 7 -26.68 22.40 -9.19
CA SER B 7 -26.43 23.16 -7.95
C SER B 7 -27.75 23.36 -7.22
N VAL B 8 -27.69 23.66 -5.93
CA VAL B 8 -28.90 23.92 -5.17
C VAL B 8 -29.77 24.98 -5.88
N ARG B 9 -29.11 26.02 -6.38
CA ARG B 9 -29.81 27.17 -6.95
C ARG B 9 -30.55 26.77 -8.23
N GLU B 10 -29.85 26.17 -9.20
CA GLU B 10 -30.52 25.74 -10.41
C GLU B 10 -31.60 24.67 -10.14
N LEU B 11 -31.44 23.95 -9.03
CA LEU B 11 -32.37 22.89 -8.67
C LEU B 11 -33.71 23.48 -8.25
N ASN B 12 -33.67 24.47 -7.36
CA ASN B 12 -34.88 25.20 -6.94
C ASN B 12 -35.60 25.84 -8.14
N ARG B 13 -34.82 26.32 -9.11
CA ARG B 13 -35.35 26.86 -10.35
C ARG B 13 -36.35 25.89 -11.00
N HIS B 14 -36.26 24.61 -10.63
CA HIS B 14 -37.08 23.56 -11.22
C HIS B 14 -38.08 23.01 -10.21
N LEU B 15 -37.98 23.48 -8.96
CA LEU B 15 -38.84 23.03 -7.88
C LEU B 15 -39.94 24.05 -7.59
N ARG B 16 -40.33 24.78 -8.63
CA ARG B 16 -41.21 25.94 -8.48
C ARG B 16 -42.63 25.55 -8.09
N GLY B 17 -43.22 24.61 -8.83
CA GLY B 17 -44.60 24.23 -8.57
C GLY B 17 -44.73 22.98 -7.71
N PHE B 18 -43.73 22.73 -6.87
CA PHE B 18 -43.73 21.55 -6.01
C PHE B 18 -44.23 21.84 -4.60
N THR B 19 -44.99 20.90 -4.07
CA THR B 19 -45.42 20.88 -2.69
C THR B 19 -44.24 20.84 -1.71
N LYS B 20 -44.49 21.07 -0.44
CA LYS B 20 -43.43 20.99 0.57
C LYS B 20 -43.03 19.57 0.91
N ASP B 21 -43.99 18.66 1.04
CA ASP B 21 -43.67 17.26 1.22
C ASP B 21 -42.90 16.72 0.02
N GLU B 22 -43.24 17.23 -1.16
CA GLU B 22 -42.62 16.80 -2.40
C GLU B 22 -41.16 17.29 -2.52
N VAL B 23 -40.91 18.53 -2.11
CA VAL B 23 -39.58 19.08 -2.11
C VAL B 23 -38.69 18.32 -1.11
N ILE B 24 -39.20 18.07 0.08
CA ILE B 24 -38.48 17.28 1.07
C ILE B 24 -38.12 15.91 0.50
N ARG B 25 -39.09 15.27 -0.13
CA ARG B 25 -38.93 13.95 -0.72
C ARG B 25 -37.87 13.93 -1.84
N LEU B 26 -37.90 14.95 -2.69
CA LEU B 26 -37.00 15.07 -3.80
C LEU B 26 -35.56 15.36 -3.34
N LYS B 27 -35.43 16.18 -2.30
CA LYS B 27 -34.15 16.46 -1.70
C LYS B 27 -33.56 15.27 -0.95
N GLN B 28 -34.40 14.43 -0.34
CA GLN B 28 -33.95 13.17 0.25
C GLN B 28 -33.41 12.24 -0.83
N LYS B 29 -34.05 12.23 -1.99
CA LYS B 29 -33.64 11.39 -3.11
C LYS B 29 -32.29 11.85 -3.66
N ARG B 30 -32.10 13.16 -3.76
CA ARG B 30 -30.79 13.71 -4.13
C ARG B 30 -29.67 13.30 -3.15
N ARG B 31 -29.95 13.39 -1.86
CA ARG B 31 -29.03 12.95 -0.81
C ARG B 31 -28.70 11.46 -0.97
N THR B 32 -29.73 10.63 -1.08
CA THR B 32 -29.54 9.20 -1.35
C THR B 32 -28.67 8.93 -2.60
N LEU B 33 -28.95 9.62 -3.70
CA LEU B 33 -28.18 9.42 -4.93
C LEU B 33 -26.72 9.87 -4.77
N LYS B 34 -26.51 10.99 -4.11
CA LYS B 34 -25.16 11.49 -3.81
C LYS B 34 -24.39 10.54 -2.86
N ASN B 35 -25.05 10.03 -1.81
CA ASN B 35 -24.47 8.98 -0.94
C ASN B 35 -24.09 7.70 -1.68
N ARG B 36 -24.92 7.31 -2.63
CA ARG B 36 -24.61 6.17 -3.47
C ARG B 36 -23.26 6.36 -4.16
N GLY B 37 -23.01 7.56 -4.70
CA GLY B 37 -21.72 7.88 -5.31
C GLY B 37 -20.58 8.04 -4.31
N TYR B 38 -20.85 8.60 -3.13
CA TYR B 38 -19.81 8.76 -2.12
C TYR B 38 -19.28 7.39 -1.72
N ALA B 39 -20.18 6.42 -1.58
CA ALA B 39 -19.82 5.08 -1.16
C ALA B 39 -18.96 4.45 -2.22
N GLN B 40 -19.33 4.66 -3.48
CA GLN B 40 -18.58 4.10 -4.61
C GLN B 40 -17.16 4.65 -4.70
N SER B 41 -16.98 5.95 -4.46
CA SER B 41 -15.64 6.54 -4.42
C SER B 41 -14.84 6.00 -3.28
N CYS B 42 -15.46 5.95 -2.11
CA CYS B 42 -14.81 5.48 -0.91
C CYS B 42 -14.23 4.10 -1.17
N ARG B 43 -15.05 3.18 -1.65
CA ARG B 43 -14.62 1.82 -1.89
C ARG B 43 -13.63 1.70 -3.04
N TYR B 44 -13.77 2.55 -4.04
CA TYR B 44 -12.83 2.57 -5.14
C TYR B 44 -11.43 3.02 -4.67
N LYS B 45 -11.38 4.04 -3.83
CA LYS B 45 -10.11 4.49 -3.30
C LYS B 45 -9.39 3.37 -2.54
N ARG B 46 -10.14 2.57 -1.78
CA ARG B 46 -9.54 1.46 -1.05
C ARG B 46 -8.97 0.37 -1.96
N VAL B 47 -9.67 0.02 -3.04
CA VAL B 47 -9.10 -0.99 -3.90
C VAL B 47 -7.85 -0.45 -4.58
N GLN B 48 -7.84 0.83 -4.91
CA GLN B 48 -6.69 1.43 -5.57
CA GLN B 48 -6.68 1.40 -5.58
C GLN B 48 -5.49 1.54 -4.63
N GLN B 49 -5.75 1.75 -3.34
CA GLN B 49 -4.68 1.75 -2.34
C GLN B 49 -4.13 0.34 -2.13
N LYS B 50 -5.01 -0.65 -2.05
CA LYS B 50 -4.56 -2.02 -2.03
C LYS B 50 -3.63 -2.36 -3.20
N HIS B 51 -4.06 -2.02 -4.41
N HIS B 51 -4.04 -2.01 -4.41
CA HIS B 51 -3.30 -2.32 -5.62
CA HIS B 51 -3.29 -2.32 -5.63
C HIS B 51 -1.94 -1.63 -5.60
C HIS B 51 -1.94 -1.61 -5.65
N HIS B 52 -1.93 -0.36 -5.20
CA HIS B 52 -0.71 0.41 -5.11
C HIS B 52 0.30 -0.19 -4.11
N LEU B 53 -0.20 -0.70 -2.99
CA LEU B 53 0.63 -1.38 -1.99
C LEU B 53 1.14 -2.73 -2.50
N GLU B 54 0.24 -3.52 -3.08
CA GLU B 54 0.61 -4.79 -3.67
C GLU B 54 1.72 -4.63 -4.71
N ASN B 55 1.66 -3.53 -5.48
CA ASN B 55 2.61 -3.26 -6.55
C ASN B 55 3.94 -2.85 -5.97
N GLU B 56 3.88 -1.93 -5.02
CA GLU B 56 5.05 -1.46 -4.29
C GLU B 56 5.82 -2.63 -3.67
N LYS B 57 5.08 -3.58 -3.12
CA LYS B 57 5.67 -4.76 -2.52
C LYS B 57 6.39 -5.63 -3.55
N THR B 58 5.67 -5.97 -4.63
CA THR B 58 6.23 -6.69 -5.74
C THR B 58 7.58 -6.11 -6.18
N GLN B 59 7.60 -4.80 -6.36
CA GLN B 59 8.79 -4.10 -6.81
C GLN B 59 9.92 -4.11 -5.76
N LEU B 60 9.59 -3.82 -4.51
CA LEU B 60 10.54 -3.89 -3.41
C LEU B 60 11.20 -5.25 -3.29
N ILE B 61 10.43 -6.32 -3.45
CA ILE B 61 10.96 -7.65 -3.35
C ILE B 61 12.01 -7.88 -4.44
N GLN B 62 11.76 -7.27 -5.60
CA GLN B 62 12.62 -7.34 -6.75
C GLN B 62 13.93 -6.58 -6.50
N GLN B 63 13.80 -5.39 -5.93
CA GLN B 63 14.94 -4.54 -5.65
C GLN B 63 15.82 -5.17 -4.55
N VAL B 64 15.17 -5.71 -3.53
CA VAL B 64 15.87 -6.35 -2.43
C VAL B 64 16.69 -7.56 -2.90
N GLU B 65 16.13 -8.32 -3.83
CA GLU B 65 16.77 -9.52 -4.31
C GLU B 65 18.01 -9.22 -5.14
N GLN B 66 17.99 -8.11 -5.85
CA GLN B 66 19.14 -7.67 -6.63
C GLN B 66 20.21 -6.99 -5.77
N LEU B 67 19.82 -6.50 -4.60
CA LEU B 67 20.76 -5.90 -3.69
C LEU B 67 21.50 -6.99 -2.93
N LYS B 68 20.83 -8.11 -2.71
CA LYS B 68 21.39 -9.24 -1.99
C LYS B 68 22.43 -9.96 -2.83
N GLN B 69 22.26 -9.89 -4.13
CA GLN B 69 23.17 -10.51 -5.07
C GLN B 69 24.42 -9.64 -5.21
N GLU B 70 24.24 -8.32 -5.13
CA GLU B 70 25.36 -7.41 -5.13
C GLU B 70 26.17 -7.55 -3.85
N VAL B 71 25.48 -7.72 -2.72
CA VAL B 71 26.13 -7.93 -1.43
C VAL B 71 26.98 -9.20 -1.39
N SER B 72 26.45 -10.30 -1.92
CA SER B 72 27.17 -11.57 -1.90
C SER B 72 28.41 -11.50 -2.80
N ARG B 73 28.22 -10.98 -4.00
CA ARG B 73 29.31 -10.75 -4.92
C ARG B 73 30.45 -10.00 -4.23
N LEU B 74 30.09 -8.86 -3.62
CA LEU B 74 31.03 -7.95 -2.99
C LEU B 74 31.69 -8.53 -1.74
N ALA B 75 30.95 -9.33 -0.99
CA ALA B 75 31.51 -9.98 0.19
C ALA B 75 32.46 -11.11 -0.23
N ARG B 76 32.23 -11.69 -1.41
CA ARG B 76 33.15 -12.70 -1.93
C ARG B 76 34.46 -12.04 -2.31
N GLU B 77 34.39 -11.01 -3.15
CA GLU B 77 35.55 -10.21 -3.54
C GLU B 77 36.38 -9.73 -2.34
N ARG B 78 35.72 -9.21 -1.31
CA ARG B 78 36.41 -8.77 -0.11
C ARG B 78 37.11 -9.91 0.61
N ASP B 79 36.46 -11.08 0.62
CA ASP B 79 37.01 -12.25 1.28
C ASP B 79 38.14 -12.88 0.47
N ALA B 80 38.13 -12.69 -0.85
CA ALA B 80 39.23 -13.15 -1.69
C ALA B 80 40.51 -12.31 -1.47
N TYR B 81 40.34 -11.05 -1.07
CA TYR B 81 41.48 -10.21 -0.69
C TYR B 81 41.96 -10.59 0.71
N LYS B 82 41.05 -11.01 1.57
CA LYS B 82 41.41 -11.35 2.95
C LYS B 82 42.23 -12.62 3.04
N VAL B 83 41.93 -13.62 2.20
CA VAL B 83 42.70 -14.85 2.24
C VAL B 83 44.12 -14.63 1.71
N LYS B 84 44.28 -13.79 0.70
CA LYS B 84 45.64 -13.50 0.26
C LYS B 84 46.40 -12.53 1.19
N SER B 85 45.68 -11.87 2.10
CA SER B 85 46.34 -11.10 3.15
C SER B 85 46.60 -11.95 4.40
N GLU B 86 45.83 -13.02 4.59
CA GLU B 86 46.08 -13.95 5.68
C GLU B 86 47.18 -14.94 5.29
N LYS B 87 47.29 -15.18 3.98
CA LYS B 87 48.29 -16.07 3.42
C LYS B 87 49.68 -15.42 3.44
N LEU B 88 49.73 -14.10 3.38
CA LEU B 88 51.01 -13.40 3.47
C LEU B 88 51.51 -13.35 4.90
N ALA B 89 50.57 -13.23 5.85
CA ALA B 89 50.88 -13.33 7.27
C ALA B 89 51.37 -14.74 7.64
N ASN B 90 51.21 -15.68 6.70
CA ASN B 90 51.61 -17.06 6.90
C ASN B 90 52.98 -17.36 6.28
#